data_4WVG
#
_entry.id   4WVG
#
_cell.length_a   57.683
_cell.length_b   63.565
_cell.length_c   79.892
_cell.angle_alpha   90.000
_cell.angle_beta   92.590
_cell.angle_gamma   90.000
#
_symmetry.space_group_name_H-M   'P 1 21 1'
#
loop_
_entity.id
_entity.type
_entity.pdbx_description
1 polymer 'Maltose-binding periplasmic protein,Signal peptidase IB'
2 branched alpha-D-glucopyranose-(1-4)-alpha-D-glucopyranose
3 water water
#
_entity_poly.entity_id   1
_entity_poly.type   'polypeptide(L)'
_entity_poly.pdbx_seq_one_letter_code
;MSYYHHHHHHHMLVIWINGDKGYNGLAQVGKKFEKDTGIKVTVEHPDKLEEKFPQVAATGDGPDIIFWAHDRFGGYAQSG
LLAEITPDKAFQDKLYPFTWDAVRYNGKLIAYPIAVEALSLIYNKDLLPNPPKTWEEIPALDKELKAKGKSALMFNLQEP
YFTWPLIAADGGYAFKYENGKYDIKDVGVDNAGAKAGLTFLVDLIKNKHMNADTDYSIAEAAFNKGETAMTINGPWAWSN
IDTSKVNYGVTVLPTFKGQPSKPFVGVLSAGINAASPNKELAKEFLENYLLTDEGLEAVNKDKPLGAVALKSYEEELAKD
PRIAATMENAQKGEIMPNIPQMSAFWYAVRTAVINAASGRQTVDEALKDAQTNAGAIVTPYTIKGEAMDPTLKDGERVAV
NIVGYKTGGLEKGNVVVFHANKNDDYVKRVIGVPGDKVEYKNDTLYVNGKKQDEPYLNYNLKHKQGDYITGTFQVKDLPN
ANPKSNVIPKGKYLVLGDNREVSKDSRAFGLIDEDQIVGKVSFRFWPFSEFKHNFNPENTKN
;
_entity_poly.pdbx_strand_id   A
#
# COMPACT_ATOMS: atom_id res chain seq x y z
N MET A 12 20.92 13.54 -19.63
CA MET A 12 19.46 13.69 -19.33
C MET A 12 19.11 13.22 -17.90
N LEU A 13 18.27 13.99 -17.22
CA LEU A 13 17.67 13.56 -15.96
C LEU A 13 16.20 13.32 -16.22
N VAL A 14 15.72 12.14 -15.88
CA VAL A 14 14.31 11.80 -15.97
C VAL A 14 13.72 11.82 -14.54
N ILE A 15 12.62 12.55 -14.40
CA ILE A 15 11.94 12.73 -13.11
C ILE A 15 10.50 12.27 -13.23
N TRP A 16 10.05 11.50 -12.24
CA TRP A 16 8.66 11.09 -12.12
C TRP A 16 8.01 11.81 -10.96
N ILE A 17 6.82 12.34 -11.19
CA ILE A 17 6.04 12.97 -10.15
C ILE A 17 4.59 12.70 -10.45
N ASN A 18 3.75 12.65 -9.42
CA ASN A 18 2.36 12.26 -9.62
C ASN A 18 1.59 13.31 -10.43
N GLY A 19 0.58 12.85 -11.16
CA GLY A 19 -0.21 13.71 -12.03
C GLY A 19 -1.00 14.82 -11.37
N ASP A 20 -1.15 14.77 -10.04
CA ASP A 20 -1.92 15.77 -9.31
C ASP A 20 -1.05 16.90 -8.78
N LYS A 21 0.26 16.79 -9.00
CA LYS A 21 1.21 17.80 -8.52
C LYS A 21 1.60 18.74 -9.65
N GLY A 22 2.37 19.77 -9.31
CA GLY A 22 2.75 20.79 -10.28
C GLY A 22 3.91 20.38 -11.18
N TYR A 23 3.67 19.39 -12.04
CA TYR A 23 4.72 18.88 -12.91
C TYR A 23 5.19 19.86 -13.99
N ASN A 24 4.32 20.78 -14.40
CA ASN A 24 4.75 21.87 -15.30
C ASN A 24 5.69 22.84 -14.64
N GLY A 25 5.37 23.22 -13.41
CA GLY A 25 6.24 24.09 -12.64
C GLY A 25 7.58 23.41 -12.44
N LEU A 26 7.54 22.12 -12.11
CA LEU A 26 8.77 21.36 -11.92
C LEU A 26 9.57 21.38 -13.22
N ALA A 27 8.88 21.27 -14.35
CA ALA A 27 9.56 21.30 -15.65
C ALA A 27 10.26 22.64 -15.93
N GLN A 28 9.69 23.74 -15.44
CA GLN A 28 10.35 25.06 -15.58
C GLN A 28 11.68 25.10 -14.85
N VAL A 29 11.70 24.56 -13.64
CA VAL A 29 12.94 24.37 -12.90
C VAL A 29 13.89 23.49 -13.71
N GLY A 30 13.34 22.50 -14.39
CA GLY A 30 14.12 21.66 -15.31
C GLY A 30 14.77 22.44 -16.44
N LYS A 31 14.03 23.36 -17.05
CA LYS A 31 14.54 24.21 -18.13
C LYS A 31 15.69 25.10 -17.66
N LYS A 32 15.54 25.66 -16.46
CA LYS A 32 16.62 26.43 -15.86
C LYS A 32 17.89 25.59 -15.74
N PHE A 33 17.75 24.41 -15.14
CA PHE A 33 18.88 23.49 -14.97
C PHE A 33 19.55 23.18 -16.31
N GLU A 34 18.74 22.96 -17.33
CA GLU A 34 19.23 22.68 -18.68
C GLU A 34 20.01 23.86 -19.24
N LYS A 35 19.40 25.04 -19.16
CA LYS A 35 20.03 26.28 -19.57
C LYS A 35 21.41 26.46 -18.92
N ASP A 36 21.52 26.16 -17.62
CA ASP A 36 22.77 26.34 -16.87
C ASP A 36 23.80 25.24 -17.08
N THR A 37 23.35 24.01 -17.29
CA THR A 37 24.24 22.85 -17.26
C THR A 37 24.37 22.14 -18.60
N GLY A 38 23.50 22.47 -19.55
CA GLY A 38 23.42 21.72 -20.79
C GLY A 38 22.75 20.36 -20.65
N ILE A 39 22.31 19.99 -19.45
CA ILE A 39 21.70 18.67 -19.22
C ILE A 39 20.19 18.77 -19.32
N LYS A 40 19.59 17.93 -20.14
CA LYS A 40 18.14 17.95 -20.32
C LYS A 40 17.43 17.30 -19.11
N VAL A 41 16.28 17.87 -18.72
CA VAL A 41 15.44 17.33 -17.65
C VAL A 41 14.05 17.03 -18.21
N THR A 42 13.64 15.79 -18.13
CA THR A 42 12.33 15.37 -18.61
C THR A 42 11.47 14.99 -17.42
N VAL A 43 10.35 15.68 -17.25
CA VAL A 43 9.39 15.37 -16.21
C VAL A 43 8.25 14.55 -16.78
N GLU A 44 7.92 13.46 -16.09
CA GLU A 44 6.85 12.56 -16.49
C GLU A 44 5.93 12.31 -15.32
N HIS A 45 4.67 11.98 -15.62
CA HIS A 45 3.67 11.67 -14.61
C HIS A 45 2.86 10.46 -15.01
N PRO A 46 3.51 9.29 -15.01
CA PRO A 46 2.79 8.10 -15.39
C PRO A 46 1.76 7.69 -14.33
N ASP A 47 0.73 6.97 -14.76
CA ASP A 47 -0.22 6.36 -13.84
C ASP A 47 0.49 5.31 -13.00
N LYS A 48 0.04 5.15 -11.75
CA LYS A 48 0.54 4.10 -10.86
C LYS A 48 2.06 4.14 -10.72
N LEU A 49 2.65 5.33 -10.74
CA LEU A 49 4.11 5.43 -10.75
C LEU A 49 4.73 4.79 -9.50
N GLU A 50 3.99 4.82 -8.40
CA GLU A 50 4.47 4.26 -7.13
C GLU A 50 4.57 2.73 -7.17
N GLU A 51 3.75 2.10 -8.01
CA GLU A 51 3.86 0.67 -8.29
C GLU A 51 4.85 0.35 -9.40
N LYS A 52 4.91 1.23 -10.39
CA LYS A 52 5.79 1.01 -11.53
C LYS A 52 7.27 1.21 -11.18
N PHE A 53 7.56 2.02 -10.17
CA PHE A 53 8.96 2.33 -9.89
C PHE A 53 9.83 1.09 -9.63
N PRO A 54 9.42 0.21 -8.68
CA PRO A 54 10.22 -0.99 -8.49
C PRO A 54 10.23 -1.91 -9.74
N GLN A 55 9.15 -1.91 -10.50
CA GLN A 55 9.11 -2.70 -11.73
C GLN A 55 10.16 -2.26 -12.72
N VAL A 56 10.26 -0.97 -12.97
CA VAL A 56 11.21 -0.45 -13.97
C VAL A 56 12.63 -0.34 -13.43
N ALA A 57 12.78 -0.27 -12.11
CA ALA A 57 14.10 -0.37 -11.50
C ALA A 57 14.69 -1.79 -11.67
N ALA A 58 13.84 -2.80 -11.58
CA ALA A 58 14.26 -4.19 -11.78
C ALA A 58 14.91 -4.43 -13.16
N THR A 59 14.42 -3.70 -14.16
CA THR A 59 14.99 -3.75 -15.52
C THR A 59 16.17 -2.78 -15.64
N GLY A 60 16.05 -1.61 -15.03
CA GLY A 60 17.04 -0.54 -15.18
C GLY A 60 16.68 0.43 -16.30
N ASP A 61 15.39 0.77 -16.40
CA ASP A 61 14.93 1.85 -17.28
C ASP A 61 14.03 2.80 -16.48
N GLY A 62 14.35 3.01 -15.20
CA GLY A 62 13.54 3.86 -14.33
C GLY A 62 13.98 5.31 -14.32
N PRO A 63 13.23 6.17 -13.62
CA PRO A 63 13.61 7.58 -13.54
C PRO A 63 14.86 7.78 -12.71
N ASP A 64 15.56 8.89 -12.93
CA ASP A 64 16.68 9.25 -12.06
C ASP A 64 16.20 9.74 -10.71
N ILE A 65 15.09 10.49 -10.72
CA ILE A 65 14.48 11.03 -9.50
C ILE A 65 13.00 10.65 -9.47
N ILE A 66 12.54 10.20 -8.31
CA ILE A 66 11.12 9.88 -8.10
C ILE A 66 10.55 10.69 -6.93
N PHE A 67 9.44 11.38 -7.19
CA PHE A 67 8.71 12.11 -6.18
C PHE A 67 7.51 11.28 -5.71
N TRP A 68 7.33 11.21 -4.40
CA TRP A 68 6.13 10.63 -3.79
C TRP A 68 6.11 11.05 -2.33
N ALA A 69 4.98 10.85 -1.66
CA ALA A 69 4.96 11.02 -0.23
C ALA A 69 5.96 10.02 0.39
N HIS A 70 6.49 10.38 1.54
CA HIS A 70 7.56 9.62 2.19
C HIS A 70 7.21 8.19 2.55
N ASP A 71 5.93 7.86 2.64
CA ASP A 71 5.54 6.52 3.10
C ASP A 71 6.08 5.38 2.26
N ARG A 72 6.12 5.54 0.94
CA ARG A 72 6.58 4.47 0.02
C ARG A 72 8.09 4.27 0.00
N PHE A 73 8.86 5.22 0.52
CA PHE A 73 10.31 5.19 0.35
C PHE A 73 11.02 4.16 1.23
N GLY A 74 10.43 3.80 2.36
CA GLY A 74 10.98 2.71 3.18
C GLY A 74 11.04 1.42 2.38
N GLY A 75 9.94 1.08 1.72
CA GLY A 75 9.89 -0.11 0.87
C GLY A 75 10.91 -0.09 -0.27
N TYR A 76 11.09 1.07 -0.89
CA TYR A 76 12.06 1.18 -1.99
C TYR A 76 13.49 1.00 -1.44
N ALA A 77 13.76 1.59 -0.28
CA ALA A 77 15.07 1.50 0.35
C ALA A 77 15.39 0.07 0.74
N GLN A 78 14.43 -0.59 1.37
CA GLN A 78 14.65 -1.96 1.80
C GLN A 78 14.96 -2.88 0.64
N SER A 79 14.45 -2.57 -0.56
CA SER A 79 14.74 -3.32 -1.78
C SER A 79 16.02 -2.86 -2.51
N GLY A 80 16.72 -1.87 -1.96
CA GLY A 80 17.94 -1.37 -2.56
C GLY A 80 17.75 -0.49 -3.79
N LEU A 81 16.58 0.12 -3.93
CA LEU A 81 16.28 0.91 -5.12
C LEU A 81 16.71 2.35 -5.00
N LEU A 82 17.07 2.80 -3.80
CA LEU A 82 17.38 4.21 -3.57
C LEU A 82 18.82 4.42 -3.13
N ALA A 83 19.42 5.49 -3.63
CA ALA A 83 20.73 5.91 -3.18
C ALA A 83 20.59 6.68 -1.88
N GLU A 84 21.54 6.49 -0.97
CA GLU A 84 21.63 7.29 0.24
C GLU A 84 21.96 8.70 -0.16
N ILE A 85 21.29 9.66 0.45
CA ILE A 85 21.55 11.05 0.14
C ILE A 85 22.44 11.66 1.21
N THR A 86 23.30 12.58 0.77
CA THR A 86 24.46 13.02 1.54
C THR A 86 24.52 14.54 1.63
N PRO A 87 23.45 15.19 2.13
CA PRO A 87 23.50 16.65 2.21
C PRO A 87 24.43 17.09 3.33
N ASP A 88 25.18 18.16 3.12
CA ASP A 88 26.04 18.67 4.20
C ASP A 88 25.22 19.38 5.26
N LYS A 89 25.86 19.64 6.39
CA LYS A 89 25.26 20.36 7.50
C LYS A 89 24.56 21.64 7.02
N ALA A 90 25.27 22.44 6.24
CA ALA A 90 24.73 23.73 5.79
C ALA A 90 23.44 23.57 5.02
N PHE A 91 23.36 22.55 4.17
CA PHE A 91 22.12 22.27 3.47
C PHE A 91 21.05 21.66 4.38
N GLN A 92 21.43 20.73 5.25
CA GLN A 92 20.46 20.12 6.18
C GLN A 92 19.77 21.17 7.02
N ASP A 93 20.54 22.17 7.44
CA ASP A 93 20.03 23.25 8.27
C ASP A 93 18.99 24.12 7.57
N LYS A 94 18.97 24.13 6.24
CA LYS A 94 17.98 24.90 5.50
C LYS A 94 16.55 24.33 5.59
N LEU A 95 16.43 23.03 5.87
CA LEU A 95 15.12 22.35 5.93
C LEU A 95 14.73 22.05 7.36
N TYR A 96 13.42 22.00 7.63
CA TYR A 96 12.96 21.71 8.98
C TYR A 96 13.41 20.32 9.41
N PRO A 97 13.93 20.20 10.65
CA PRO A 97 14.45 18.91 11.08
C PRO A 97 13.41 17.79 11.06
N PHE A 98 12.15 18.12 11.33
CA PHE A 98 11.11 17.09 11.32
C PHE A 98 10.81 16.57 9.91
N THR A 99 11.07 17.36 8.88
CA THR A 99 10.94 16.86 7.51
C THR A 99 12.01 15.81 7.21
N TRP A 100 13.24 16.02 7.70
CA TRP A 100 14.30 15.02 7.55
C TRP A 100 13.96 13.71 8.28
N ASP A 101 13.37 13.83 9.46
CA ASP A 101 12.87 12.65 10.18
C ASP A 101 11.97 11.76 9.30
N ALA A 102 11.11 12.36 8.50
CA ALA A 102 10.18 11.60 7.65
C ALA A 102 10.86 10.78 6.55
N VAL A 103 12.07 11.20 6.17
CA VAL A 103 12.82 10.53 5.11
C VAL A 103 14.04 9.77 5.66
N ARG A 104 14.03 9.47 6.95
CA ARG A 104 15.07 8.65 7.54
C ARG A 104 14.57 7.21 7.63
N TYR A 105 15.37 6.29 7.13
CA TYR A 105 15.05 4.86 7.16
C TYR A 105 16.29 4.07 7.61
N ASN A 106 16.13 3.26 8.65
CA ASN A 106 17.22 2.47 9.23
C ASN A 106 18.50 3.28 9.35
N GLY A 107 18.38 4.46 9.96
CA GLY A 107 19.53 5.29 10.28
C GLY A 107 20.00 6.21 9.17
N LYS A 108 19.48 6.03 7.95
CA LYS A 108 19.99 6.76 6.80
C LYS A 108 18.92 7.62 6.12
N LEU A 109 19.38 8.73 5.54
CA LEU A 109 18.53 9.57 4.73
C LEU A 109 18.42 8.93 3.35
N ILE A 110 17.19 8.76 2.89
CA ILE A 110 16.92 8.09 1.63
C ILE A 110 16.15 8.94 0.62
N ALA A 111 15.89 10.20 0.95
CA ALA A 111 15.20 11.14 0.06
C ALA A 111 15.34 12.55 0.59
N TYR A 112 15.05 13.51 -0.28
CA TYR A 112 15.00 14.90 0.12
C TYR A 112 13.53 15.26 0.38
N PRO A 113 13.24 15.82 1.56
CA PRO A 113 11.88 16.30 1.82
C PRO A 113 11.58 17.58 1.06
N ILE A 114 10.35 17.69 0.55
CA ILE A 114 9.95 18.86 -0.24
C ILE A 114 8.83 19.63 0.45
N ALA A 115 7.78 18.96 0.89
CA ALA A 115 6.66 19.67 1.50
C ALA A 115 5.73 18.77 2.34
N VAL A 116 5.12 19.37 3.36
CA VAL A 116 4.17 18.68 4.22
C VAL A 116 2.73 18.84 3.71
N GLU A 117 2.09 17.70 3.54
CA GLU A 117 0.73 17.60 3.03
C GLU A 117 -0.21 17.06 4.10
N ALA A 118 -1.38 17.68 4.20
CA ALA A 118 -2.50 17.11 4.93
C ALA A 118 -3.77 17.53 4.23
N LEU A 119 -4.80 16.69 4.33
CA LEU A 119 -6.12 17.01 3.78
C LEU A 119 -6.81 18.04 4.63
N SER A 120 -7.59 18.91 3.98
CA SER A 120 -8.49 19.82 4.67
C SER A 120 -9.90 19.69 4.12
N LEU A 121 -10.84 20.25 4.87
CA LEU A 121 -12.20 20.42 4.39
C LEU A 121 -12.23 21.69 3.56
N ILE A 122 -12.69 21.55 2.32
CA ILE A 122 -12.78 22.67 1.39
C ILE A 122 -14.27 22.88 1.13
N TYR A 123 -14.74 24.13 1.30
CA TYR A 123 -16.17 24.40 1.23
C TYR A 123 -16.46 25.63 0.38
N ASN A 124 -17.64 25.63 -0.22
CA ASN A 124 -18.08 26.69 -1.11
C ASN A 124 -18.82 27.72 -0.27
N LYS A 125 -18.25 28.90 -0.11
CA LYS A 125 -18.82 29.90 0.81
C LYS A 125 -20.19 30.43 0.39
N ASP A 126 -20.47 30.43 -0.92
CA ASP A 126 -21.75 30.88 -1.43
C ASP A 126 -22.85 29.84 -1.16
N LEU A 127 -22.53 28.55 -1.23
CA LEU A 127 -23.50 27.51 -0.89
C LEU A 127 -23.61 27.26 0.63
N LEU A 128 -22.55 27.56 1.35
CA LEU A 128 -22.42 27.12 2.74
C LEU A 128 -21.50 28.09 3.48
N PRO A 129 -22.05 29.21 3.97
CA PRO A 129 -21.23 30.24 4.62
C PRO A 129 -20.56 29.75 5.90
N ASN A 130 -21.23 28.85 6.61
CA ASN A 130 -20.74 28.28 7.86
C ASN A 130 -20.52 26.78 7.75
N PRO A 131 -19.26 26.36 7.51
CA PRO A 131 -19.04 24.92 7.36
C PRO A 131 -19.37 24.16 8.65
N PRO A 132 -19.80 22.88 8.54
CA PRO A 132 -20.19 22.12 9.71
C PRO A 132 -19.00 21.75 10.59
N LYS A 133 -19.22 21.80 11.90
CA LYS A 133 -18.20 21.45 12.89
C LYS A 133 -18.11 19.94 13.09
N THR A 134 -19.18 19.24 12.73
CA THR A 134 -19.25 17.81 12.98
C THR A 134 -19.64 17.05 11.73
N TRP A 135 -19.13 15.83 11.63
CA TRP A 135 -19.55 14.90 10.61
C TRP A 135 -21.03 14.55 10.80
N GLU A 136 -21.46 14.46 12.06
CA GLU A 136 -22.83 14.08 12.37
C GLU A 136 -23.89 15.03 11.77
N GLU A 137 -23.53 16.28 11.51
CA GLU A 137 -24.43 17.28 10.90
C GLU A 137 -24.66 17.10 9.40
N ILE A 138 -23.81 16.32 8.75
CA ILE A 138 -23.78 16.31 7.30
C ILE A 138 -25.06 15.71 6.66
N PRO A 139 -25.64 14.65 7.25
CA PRO A 139 -26.89 14.16 6.69
C PRO A 139 -27.98 15.23 6.58
N ALA A 140 -28.23 15.99 7.66
CA ALA A 140 -29.23 17.05 7.64
C ALA A 140 -28.84 18.14 6.65
N LEU A 141 -27.56 18.49 6.62
CA LEU A 141 -27.06 19.49 5.68
C LEU A 141 -27.29 19.04 4.24
N ASP A 142 -27.09 17.76 3.97
CA ASP A 142 -27.28 17.22 2.63
C ASP A 142 -28.76 17.28 2.21
N LYS A 143 -29.65 16.93 3.13
CA LYS A 143 -31.08 17.01 2.87
C LYS A 143 -31.48 18.44 2.49
N GLU A 144 -30.98 19.41 3.25
CA GLU A 144 -31.21 20.81 2.97
C GLU A 144 -30.73 21.21 1.57
N LEU A 145 -29.55 20.71 1.19
CA LEU A 145 -28.96 21.02 -0.09
C LEU A 145 -29.59 20.21 -1.22
N LYS A 146 -30.02 18.99 -0.94
CA LYS A 146 -30.71 18.20 -1.95
C LYS A 146 -31.97 18.97 -2.38
N ALA A 147 -32.72 19.50 -1.41
CA ALA A 147 -33.89 20.33 -1.69
C ALA A 147 -33.57 21.49 -2.64
N LYS A 148 -32.35 22.02 -2.55
CA LYS A 148 -31.91 23.14 -3.40
C LYS A 148 -31.15 22.71 -4.67
N GLY A 149 -31.29 21.45 -5.08
CA GLY A 149 -30.62 20.94 -6.27
C GLY A 149 -29.14 20.55 -6.11
N LYS A 150 -28.62 20.60 -4.88
CA LYS A 150 -27.19 20.38 -4.63
C LYS A 150 -26.96 19.16 -3.75
N SER A 151 -25.71 18.97 -3.33
CA SER A 151 -25.36 17.99 -2.30
C SER A 151 -24.36 18.64 -1.34
N ALA A 152 -24.22 18.05 -0.16
CA ALA A 152 -23.34 18.60 0.86
C ALA A 152 -21.86 18.33 0.58
N LEU A 153 -21.54 17.08 0.25
CA LEU A 153 -20.16 16.61 0.28
C LEU A 153 -19.87 15.56 -0.78
N MET A 154 -18.81 15.79 -1.55
CA MET A 154 -18.24 14.79 -2.43
C MET A 154 -16.71 14.81 -2.34
N PHE A 155 -16.15 13.65 -2.05
CA PHE A 155 -14.70 13.47 -2.08
C PHE A 155 -14.34 12.06 -2.51
N ASN A 156 -13.07 11.83 -2.79
CA ASN A 156 -12.63 10.56 -3.35
C ASN A 156 -12.80 9.40 -2.36
N LEU A 157 -13.72 8.48 -2.65
CA LEU A 157 -13.96 7.33 -1.80
C LEU A 157 -13.12 6.09 -2.18
N GLN A 158 -12.41 6.15 -3.29
CA GLN A 158 -11.64 5.01 -3.76
C GLN A 158 -10.31 4.81 -3.04
N GLU A 159 -9.74 5.89 -2.51
CA GLU A 159 -8.42 5.85 -1.93
C GLU A 159 -8.52 6.01 -0.43
N PRO A 160 -7.98 5.05 0.33
CA PRO A 160 -8.03 5.11 1.80
C PRO A 160 -7.37 6.36 2.42
N TYR A 161 -6.46 7.00 1.70
CA TYR A 161 -5.95 8.33 2.10
C TYR A 161 -7.07 9.31 2.43
N PHE A 162 -8.11 9.31 1.61
CA PHE A 162 -9.18 10.29 1.74
C PHE A 162 -10.22 9.89 2.78
N THR A 163 -10.35 8.60 3.04
CA THR A 163 -11.37 8.09 3.97
C THR A 163 -10.85 7.82 5.40
N TRP A 164 -9.54 7.69 5.56
CA TRP A 164 -8.90 7.50 6.88
C TRP A 164 -9.20 8.60 7.92
N PRO A 165 -9.24 9.88 7.49
CA PRO A 165 -9.51 10.92 8.50
C PRO A 165 -10.80 10.65 9.31
N LEU A 166 -11.85 10.18 8.64
CA LEU A 166 -13.11 9.87 9.32
C LEU A 166 -13.00 8.51 9.99
N ILE A 167 -12.46 7.55 9.27
CA ILE A 167 -12.38 6.20 9.75
C ILE A 167 -11.68 6.18 11.10
N ALA A 168 -10.51 6.82 11.17
CA ALA A 168 -9.64 6.76 12.36
C ALA A 168 -9.87 7.87 13.40
N ALA A 169 -10.83 8.76 13.17
CA ALA A 169 -11.05 9.91 14.06
C ALA A 169 -11.23 9.51 15.54
N ASP A 170 -12.02 8.46 15.76
CA ASP A 170 -12.43 7.99 17.08
C ASP A 170 -11.52 6.89 17.65
N GLY A 171 -10.46 6.56 16.93
CA GLY A 171 -9.52 5.54 17.38
C GLY A 171 -9.05 4.82 16.14
N GLY A 172 -7.89 4.22 16.21
CA GLY A 172 -7.40 3.51 15.03
C GLY A 172 -6.16 4.13 14.46
N TYR A 173 -5.27 3.24 14.00
CA TYR A 173 -3.95 3.61 13.53
C TYR A 173 -3.44 2.53 12.58
N ALA A 174 -2.34 2.85 11.91
CA ALA A 174 -1.75 1.90 10.98
C ALA A 174 -0.90 0.90 11.77
N PHE A 175 0.27 1.35 12.22
CA PHE A 175 1.13 0.57 13.09
C PHE A 175 1.45 1.39 14.33
N LYS A 176 1.51 0.73 15.47
CA LYS A 176 1.81 1.41 16.73
C LYS A 176 3.24 1.91 16.70
N TYR A 177 3.41 3.20 16.99
CA TYR A 177 4.72 3.79 17.16
C TYR A 177 4.96 3.92 18.64
N GLU A 178 6.07 3.36 19.12
CA GLU A 178 6.39 3.43 20.52
C GLU A 178 7.89 3.32 20.74
N ASN A 179 8.38 4.11 21.70
CA ASN A 179 9.81 4.14 22.01
C ASN A 179 10.68 4.23 20.75
N GLY A 180 10.29 5.13 19.84
CA GLY A 180 11.08 5.45 18.67
C GLY A 180 11.02 4.47 17.50
N LYS A 181 10.09 3.52 17.52
CA LYS A 181 9.97 2.61 16.37
C LYS A 181 8.60 1.99 16.21
N TYR A 182 8.32 1.60 14.97
CA TYR A 182 7.04 1.01 14.60
C TYR A 182 7.01 -0.45 14.95
N ASP A 183 5.89 -0.93 15.49
CA ASP A 183 5.71 -2.35 15.73
C ASP A 183 4.79 -2.96 14.68
N ILE A 184 5.41 -3.65 13.72
CA ILE A 184 4.68 -4.32 12.63
C ILE A 184 3.58 -5.27 13.13
N LYS A 185 3.75 -5.83 14.32
CA LYS A 185 2.77 -6.71 14.92
C LYS A 185 1.59 -5.99 15.57
N ASP A 186 1.62 -4.66 15.63
CA ASP A 186 0.55 -3.94 16.31
C ASP A 186 -0.18 -3.03 15.31
N VAL A 187 -1.23 -3.58 14.72
CA VAL A 187 -2.00 -2.88 13.70
C VAL A 187 -3.29 -2.40 14.34
N GLY A 188 -3.77 -1.22 13.94
CA GLY A 188 -4.93 -0.59 14.60
C GLY A 188 -6.13 -0.39 13.70
N VAL A 189 -6.38 -1.38 12.86
CA VAL A 189 -7.43 -1.27 11.86
C VAL A 189 -8.73 -1.86 12.38
N ASP A 190 -8.65 -2.96 13.11
CA ASP A 190 -9.83 -3.62 13.65
C ASP A 190 -10.02 -3.22 15.10
N ASN A 191 -10.45 -1.98 15.32
CA ASN A 191 -10.75 -1.54 16.65
C ASN A 191 -12.00 -0.67 16.67
N ALA A 192 -12.42 -0.34 17.88
CA ALA A 192 -13.72 0.27 18.10
C ALA A 192 -13.88 1.57 17.34
N GLY A 193 -12.86 2.40 17.37
CA GLY A 193 -12.87 3.68 16.67
C GLY A 193 -13.08 3.52 15.18
N ALA A 194 -12.30 2.65 14.56
CA ALA A 194 -12.36 2.49 13.11
C ALA A 194 -13.70 1.91 12.66
N LYS A 195 -14.24 0.98 13.43
CA LYS A 195 -15.58 0.47 13.20
C LYS A 195 -16.60 1.60 13.18
N ALA A 196 -16.53 2.47 14.18
CA ALA A 196 -17.46 3.58 14.26
C ALA A 196 -17.33 4.51 13.05
N GLY A 197 -16.11 4.87 12.70
CA GLY A 197 -15.86 5.72 11.54
C GLY A 197 -16.28 5.10 10.21
N LEU A 198 -15.87 3.87 9.97
CA LEU A 198 -16.22 3.20 8.73
C LEU A 198 -17.73 2.98 8.65
N THR A 199 -18.35 2.61 9.77
CA THR A 199 -19.81 2.48 9.82
C THR A 199 -20.49 3.80 9.44
N PHE A 200 -20.00 4.92 9.99
CA PHE A 200 -20.56 6.21 9.64
C PHE A 200 -20.42 6.49 8.16
N LEU A 201 -19.27 6.13 7.57
CA LEU A 201 -19.02 6.37 6.16
C LEU A 201 -19.98 5.54 5.29
N VAL A 202 -20.07 4.26 5.60
CA VAL A 202 -20.98 3.36 4.92
C VAL A 202 -22.44 3.84 5.04
N ASP A 203 -22.81 4.35 6.21
CA ASP A 203 -24.16 4.88 6.43
C ASP A 203 -24.45 6.13 5.60
N LEU A 204 -23.45 6.98 5.40
CA LEU A 204 -23.64 8.11 4.47
C LEU A 204 -23.98 7.63 3.05
N ILE A 205 -23.34 6.54 2.63
CA ILE A 205 -23.59 5.96 1.30
C ILE A 205 -24.94 5.25 1.27
N LYS A 206 -25.15 4.35 2.23
CA LYS A 206 -26.42 3.67 2.43
C LYS A 206 -27.59 4.65 2.31
N ASN A 207 -27.46 5.82 2.96
CA ASN A 207 -28.54 6.82 3.00
C ASN A 207 -28.50 7.82 1.87
N LYS A 208 -27.70 7.55 0.83
CA LYS A 208 -27.66 8.35 -0.39
C LYS A 208 -27.08 9.75 -0.20
N HIS A 209 -26.29 9.94 0.84
CA HIS A 209 -25.62 11.24 1.04
C HIS A 209 -24.32 11.27 0.24
N MET A 210 -23.79 10.10 -0.08
CA MET A 210 -22.65 9.97 -0.98
C MET A 210 -22.84 8.73 -1.84
N ASN A 211 -22.03 8.64 -2.90
CA ASN A 211 -22.07 7.52 -3.85
C ASN A 211 -20.76 6.74 -3.75
N ALA A 212 -20.85 5.42 -3.61
CA ALA A 212 -19.64 4.58 -3.48
C ALA A 212 -18.67 4.70 -4.66
N ASP A 213 -19.16 5.09 -5.84
CA ASP A 213 -18.32 5.17 -7.05
C ASP A 213 -17.53 6.45 -7.14
N THR A 214 -17.82 7.42 -6.28
CA THR A 214 -17.19 8.71 -6.39
C THR A 214 -15.68 8.59 -6.22
N ASP A 215 -14.96 9.14 -7.19
CA ASP A 215 -13.52 9.09 -7.21
C ASP A 215 -12.95 10.51 -7.26
N TYR A 216 -11.65 10.65 -7.49
CA TYR A 216 -11.00 11.96 -7.47
C TYR A 216 -11.56 12.94 -8.51
N SER A 217 -11.60 12.53 -9.77
CA SER A 217 -12.07 13.43 -10.83
C SER A 217 -13.56 13.76 -10.73
N ILE A 218 -14.40 12.80 -10.35
CA ILE A 218 -15.81 13.09 -10.14
C ILE A 218 -16.01 14.11 -9.05
N ALA A 219 -15.33 13.93 -7.91
CA ALA A 219 -15.47 14.87 -6.79
C ALA A 219 -14.90 16.24 -7.13
N GLU A 220 -13.74 16.26 -7.79
CA GLU A 220 -13.11 17.53 -8.17
C GLU A 220 -14.01 18.34 -9.12
N ALA A 221 -14.54 17.67 -10.14
CA ALA A 221 -15.38 18.35 -11.14
C ALA A 221 -16.62 18.91 -10.46
N ALA A 222 -17.24 18.09 -9.62
CA ALA A 222 -18.48 18.45 -8.94
C ALA A 222 -18.28 19.66 -8.03
N PHE A 223 -17.22 19.67 -7.22
CA PHE A 223 -16.98 20.83 -6.36
C PHE A 223 -16.64 22.07 -7.18
N ASN A 224 -15.80 21.91 -8.18
CA ASN A 224 -15.36 23.05 -8.97
C ASN A 224 -16.43 23.65 -9.91
N LYS A 225 -17.45 22.87 -10.26
CA LYS A 225 -18.63 23.43 -11.00
C LYS A 225 -19.80 23.83 -10.07
N GLY A 226 -19.58 23.83 -8.76
CA GLY A 226 -20.56 24.35 -7.81
C GLY A 226 -21.74 23.45 -7.56
N GLU A 227 -21.59 22.15 -7.83
CA GLU A 227 -22.68 21.18 -7.67
C GLU A 227 -22.79 20.64 -6.26
N THR A 228 -21.67 20.64 -5.53
CA THR A 228 -21.61 20.15 -4.16
C THR A 228 -20.94 21.22 -3.28
N ALA A 229 -21.38 21.31 -2.02
CA ALA A 229 -20.94 22.39 -1.13
C ALA A 229 -19.54 22.17 -0.53
N MET A 230 -19.12 20.91 -0.44
CA MET A 230 -17.87 20.56 0.21
C MET A 230 -17.13 19.43 -0.49
N THR A 231 -15.81 19.46 -0.33
CA THR A 231 -14.96 18.35 -0.72
C THR A 231 -13.80 18.25 0.28
N ILE A 232 -13.03 17.18 0.19
CA ILE A 232 -11.86 16.97 1.02
C ILE A 232 -10.69 16.78 0.10
N ASN A 233 -9.70 17.65 0.21
CA ASN A 233 -8.55 17.54 -0.65
C ASN A 233 -7.35 18.25 -0.05
N GLY A 234 -6.21 18.06 -0.71
CA GLY A 234 -4.97 18.68 -0.30
C GLY A 234 -4.66 19.96 -1.03
N PRO A 235 -3.53 20.59 -0.70
CA PRO A 235 -3.19 21.90 -1.26
C PRO A 235 -3.06 21.94 -2.78
N TRP A 236 -2.63 20.81 -3.37
CA TRP A 236 -2.48 20.67 -4.83
C TRP A 236 -3.77 20.98 -5.61
N ALA A 237 -4.91 20.73 -4.97
CA ALA A 237 -6.20 20.97 -5.58
C ALA A 237 -6.58 22.46 -5.69
N TRP A 238 -5.92 23.35 -4.97
CA TRP A 238 -6.39 24.74 -4.88
C TRP A 238 -6.34 25.49 -6.22
N SER A 239 -5.35 25.18 -7.07
CA SER A 239 -5.17 25.92 -8.33
C SER A 239 -6.40 25.81 -9.22
N ASN A 240 -6.90 24.59 -9.38
CA ASN A 240 -8.08 24.35 -10.20
C ASN A 240 -9.33 25.01 -9.63
N ILE A 241 -9.42 25.10 -8.31
CA ILE A 241 -10.54 25.82 -7.69
C ILE A 241 -10.40 27.31 -7.94
N ASP A 242 -9.18 27.84 -7.83
CA ASP A 242 -8.93 29.24 -8.19
C ASP A 242 -9.43 29.53 -9.62
N THR A 243 -9.16 28.62 -10.55
CA THR A 243 -9.57 28.79 -11.95
C THR A 243 -11.09 28.69 -12.14
N SER A 244 -11.78 28.04 -11.21
CA SER A 244 -13.23 27.90 -11.32
C SER A 244 -13.97 29.16 -10.83
N LYS A 245 -13.27 30.07 -10.16
CA LYS A 245 -13.88 31.23 -9.49
C LYS A 245 -15.06 30.81 -8.59
N VAL A 246 -14.90 29.68 -7.89
CA VAL A 246 -15.78 29.31 -6.79
C VAL A 246 -15.21 30.06 -5.59
N ASN A 247 -16.08 30.57 -4.73
CA ASN A 247 -15.63 31.28 -3.56
C ASN A 247 -15.46 30.27 -2.44
N TYR A 248 -14.24 29.78 -2.25
CA TYR A 248 -13.99 28.66 -1.35
C TYR A 248 -13.19 29.03 -0.11
N GLY A 249 -13.40 28.27 0.95
CA GLY A 249 -12.57 28.35 2.14
C GLY A 249 -11.94 26.99 2.37
N VAL A 250 -10.80 27.00 3.06
CA VAL A 250 -10.10 25.78 3.43
C VAL A 250 -10.06 25.77 4.94
N THR A 251 -10.63 24.74 5.54
CA THR A 251 -10.85 24.77 6.98
C THR A 251 -10.56 23.44 7.67
N VAL A 252 -10.75 23.43 8.98
CA VAL A 252 -10.50 22.29 9.81
C VAL A 252 -11.56 21.22 9.48
N LEU A 253 -11.11 19.98 9.31
CA LEU A 253 -12.01 18.85 9.10
C LEU A 253 -12.94 18.74 10.30
N PRO A 254 -14.18 18.23 10.09
CA PRO A 254 -15.13 18.12 11.19
C PRO A 254 -14.74 17.03 12.18
N THR A 255 -15.32 17.10 13.37
CA THR A 255 -15.12 16.06 14.39
C THR A 255 -16.13 14.96 14.19
N PHE A 256 -15.78 13.77 14.66
CA PHE A 256 -16.69 12.65 14.68
C PHE A 256 -16.67 12.14 16.11
N LYS A 257 -17.85 11.97 16.69
CA LYS A 257 -18.02 11.64 18.11
C LYS A 257 -17.21 12.57 19.02
N GLY A 258 -17.17 13.85 18.63
CA GLY A 258 -16.41 14.85 19.35
C GLY A 258 -14.92 14.81 19.13
N GLN A 259 -14.42 13.86 18.34
CA GLN A 259 -12.98 13.70 18.13
C GLN A 259 -12.54 14.25 16.77
N PRO A 260 -11.43 14.99 16.74
CA PRO A 260 -10.91 15.51 15.48
C PRO A 260 -10.63 14.40 14.47
N SER A 261 -10.90 14.68 13.20
CA SER A 261 -10.51 13.78 12.12
C SER A 261 -9.00 13.56 12.17
N LYS A 262 -8.58 12.39 11.70
CA LYS A 262 -7.18 12.00 11.80
C LYS A 262 -6.60 11.71 10.42
N PRO A 263 -6.33 12.77 9.63
CA PRO A 263 -5.68 12.54 8.35
C PRO A 263 -4.27 12.02 8.56
N PHE A 264 -3.83 11.16 7.64
CA PHE A 264 -2.43 10.86 7.51
C PHE A 264 -1.71 12.09 7.00
N VAL A 265 -0.50 12.30 7.50
CA VAL A 265 0.32 13.41 7.09
C VAL A 265 1.45 12.84 6.26
N GLY A 266 1.54 13.32 5.03
CA GLY A 266 2.58 12.91 4.09
C GLY A 266 3.56 14.03 3.82
N VAL A 267 4.80 13.66 3.55
CA VAL A 267 5.85 14.58 3.22
C VAL A 267 6.27 14.21 1.82
N LEU A 268 5.91 15.07 0.86
CA LEU A 268 6.33 14.90 -0.51
C LEU A 268 7.83 14.88 -0.50
N SER A 269 8.41 13.85 -1.10
CA SER A 269 9.84 13.63 -1.02
C SER A 269 10.40 13.21 -2.37
N ALA A 270 11.67 13.49 -2.60
CA ALA A 270 12.34 13.14 -3.84
C ALA A 270 13.49 12.20 -3.55
N GLY A 271 13.41 11.00 -4.10
CA GLY A 271 14.47 10.00 -3.98
C GLY A 271 15.29 9.90 -5.26
N ILE A 272 16.53 9.45 -5.12
CA ILE A 272 17.39 9.26 -6.27
C ILE A 272 17.52 7.76 -6.52
N ASN A 273 17.28 7.35 -7.76
CA ASN A 273 17.43 5.98 -8.18
C ASN A 273 18.87 5.47 -7.95
N ALA A 274 18.97 4.37 -7.21
CA ALA A 274 20.27 3.74 -6.92
C ALA A 274 20.98 3.34 -8.21
N ALA A 275 20.20 3.00 -9.23
CA ALA A 275 20.74 2.61 -10.52
C ALA A 275 21.00 3.77 -11.46
N SER A 276 20.78 5.01 -11.03
CA SER A 276 20.97 6.16 -11.91
C SER A 276 22.46 6.34 -12.18
N PRO A 277 22.83 6.62 -13.44
CA PRO A 277 24.21 6.99 -13.71
C PRO A 277 24.45 8.49 -13.53
N ASN A 278 23.43 9.21 -13.04
CA ASN A 278 23.50 10.67 -12.89
C ASN A 278 23.18 11.11 -11.48
N LYS A 279 23.75 10.42 -10.49
CA LYS A 279 23.43 10.71 -9.10
C LYS A 279 23.88 12.09 -8.66
N GLU A 280 25.07 12.50 -9.07
CA GLU A 280 25.61 13.79 -8.69
C GLU A 280 24.81 14.93 -9.28
N LEU A 281 24.43 14.78 -10.55
CA LEU A 281 23.54 15.76 -11.19
C LEU A 281 22.17 15.81 -10.51
N ALA A 282 21.64 14.66 -10.11
CA ALA A 282 20.35 14.59 -9.41
C ALA A 282 20.44 15.36 -8.09
N LYS A 283 21.54 15.18 -7.38
CA LYS A 283 21.79 15.90 -6.13
C LYS A 283 21.86 17.40 -6.38
N GLU A 284 22.59 17.81 -7.43
CA GLU A 284 22.72 19.23 -7.73
C GLU A 284 21.39 19.86 -8.09
N PHE A 285 20.61 19.17 -8.90
CA PHE A 285 19.30 19.66 -9.25
C PHE A 285 18.41 19.87 -8.02
N LEU A 286 18.37 18.90 -7.11
CA LEU A 286 17.46 18.97 -5.98
C LEU A 286 17.91 20.01 -4.95
N GLU A 287 19.19 19.97 -4.59
CA GLU A 287 19.76 20.90 -3.59
C GLU A 287 19.89 22.33 -4.09
N ASN A 288 20.36 22.51 -5.32
CA ASN A 288 20.69 23.86 -5.80
C ASN A 288 19.66 24.47 -6.71
N TYR A 289 18.69 23.70 -7.21
CA TYR A 289 17.70 24.27 -8.11
C TYR A 289 16.27 24.15 -7.59
N LEU A 290 15.88 22.97 -7.13
CA LEU A 290 14.50 22.77 -6.67
C LEU A 290 14.30 23.34 -5.28
N LEU A 291 15.08 22.86 -4.32
CA LEU A 291 14.92 23.29 -2.92
C LEU A 291 15.57 24.66 -2.67
N THR A 292 15.09 25.66 -3.40
CA THR A 292 15.42 27.06 -3.23
C THR A 292 14.11 27.80 -3.29
N ASP A 293 14.13 29.05 -2.83
CA ASP A 293 12.96 29.91 -2.90
C ASP A 293 12.39 29.99 -4.33
N GLU A 294 13.31 30.05 -5.29
CA GLU A 294 12.96 30.23 -6.70
C GLU A 294 12.30 28.95 -7.26
N GLY A 295 12.92 27.82 -6.98
CA GLY A 295 12.45 26.53 -7.48
C GLY A 295 11.14 26.09 -6.90
N LEU A 296 10.97 26.24 -5.59
CA LEU A 296 9.70 25.87 -4.95
C LEU A 296 8.56 26.77 -5.40
N GLU A 297 8.83 28.05 -5.59
CA GLU A 297 7.80 28.98 -6.07
C GLU A 297 7.25 28.55 -7.42
N ALA A 298 8.14 28.10 -8.31
CA ALA A 298 7.72 27.66 -9.63
C ALA A 298 6.75 26.49 -9.54
N VAL A 299 7.06 25.50 -8.69
CA VAL A 299 6.18 24.35 -8.54
C VAL A 299 4.90 24.78 -7.84
N ASN A 300 5.06 25.56 -6.77
CA ASN A 300 3.92 25.99 -5.95
C ASN A 300 2.94 26.87 -6.71
N LYS A 301 3.45 27.73 -7.58
CA LYS A 301 2.60 28.54 -8.46
C LYS A 301 1.79 27.70 -9.45
N ASP A 302 2.32 26.55 -9.87
CA ASP A 302 1.61 25.61 -10.71
C ASP A 302 0.55 24.88 -9.87
N LYS A 303 0.99 24.15 -8.84
CA LYS A 303 0.10 23.49 -7.90
C LYS A 303 0.67 23.60 -6.49
N PRO A 304 -0.12 24.14 -5.54
CA PRO A 304 0.47 24.40 -4.25
C PRO A 304 0.98 23.14 -3.55
N LEU A 305 2.11 23.31 -2.88
CA LEU A 305 2.86 22.22 -2.30
C LEU A 305 2.45 21.88 -0.87
N GLY A 306 1.91 22.88 -0.16
CA GLY A 306 1.61 22.75 1.25
C GLY A 306 2.58 23.59 2.07
N ALA A 307 3.03 23.02 3.19
CA ALA A 307 3.97 23.67 4.06
C ALA A 307 5.34 23.13 3.68
N VAL A 308 6.08 23.94 2.93
CA VAL A 308 7.32 23.49 2.32
C VAL A 308 8.37 23.21 3.38
N ALA A 309 9.28 22.30 3.05
CA ALA A 309 10.31 21.85 3.97
C ALA A 309 11.41 22.89 4.15
N LEU A 310 11.57 23.76 3.13
CA LEU A 310 12.61 24.78 3.13
C LEU A 310 12.14 25.97 3.96
N LYS A 311 12.88 26.29 5.01
CA LYS A 311 12.44 27.26 6.00
C LYS A 311 12.19 28.65 5.42
N SER A 312 13.13 29.13 4.60
CA SER A 312 13.02 30.47 4.02
C SER A 312 11.69 30.65 3.30
N TYR A 313 11.40 29.73 2.38
CA TYR A 313 10.17 29.85 1.60
C TYR A 313 8.90 29.48 2.39
N GLU A 314 9.03 28.58 3.36
CA GLU A 314 7.89 28.27 4.23
C GLU A 314 7.45 29.52 4.98
N GLU A 315 8.41 30.26 5.54
CA GLU A 315 8.12 31.50 6.25
C GLU A 315 7.41 32.52 5.36
N GLU A 316 7.81 32.59 4.09
CA GLU A 316 7.18 33.47 3.12
C GLU A 316 5.72 33.09 2.86
N LEU A 317 5.45 31.79 2.74
CA LEU A 317 4.09 31.30 2.46
C LEU A 317 3.17 31.16 3.69
N ALA A 318 3.74 31.19 4.90
CA ALA A 318 2.98 30.92 6.14
C ALA A 318 1.85 31.90 6.43
N LYS A 319 1.87 33.05 5.76
CA LYS A 319 0.83 34.05 5.89
C LYS A 319 -0.52 33.54 5.35
N ASP A 320 -0.47 32.57 4.45
CA ASP A 320 -1.66 32.04 3.79
C ASP A 320 -2.55 31.27 4.78
N PRO A 321 -3.78 31.78 5.02
CA PRO A 321 -4.69 31.06 5.91
C PRO A 321 -4.93 29.61 5.50
N ARG A 322 -4.85 29.32 4.21
CA ARG A 322 -5.05 27.96 3.72
C ARG A 322 -3.92 27.02 4.18
N ILE A 323 -2.70 27.55 4.30
CA ILE A 323 -1.58 26.78 4.84
C ILE A 323 -1.79 26.54 6.33
N ALA A 324 -2.23 27.58 7.04
CA ALA A 324 -2.55 27.48 8.46
C ALA A 324 -3.57 26.37 8.71
N ALA A 325 -4.59 26.32 7.85
CA ALA A 325 -5.62 25.30 7.96
C ALA A 325 -5.05 23.91 7.72
N THR A 326 -4.23 23.79 6.68
CA THR A 326 -3.55 22.54 6.37
C THR A 326 -2.81 21.98 7.59
N MET A 327 -1.99 22.83 8.21
CA MET A 327 -1.17 22.41 9.36
C MET A 327 -2.00 22.19 10.61
N GLU A 328 -3.12 22.87 10.74
CA GLU A 328 -4.00 22.61 11.87
C GLU A 328 -4.55 21.19 11.72
N ASN A 329 -5.00 20.83 10.52
CA ASN A 329 -5.46 19.47 10.30
C ASN A 329 -4.33 18.46 10.49
N ALA A 330 -3.13 18.82 10.03
CA ALA A 330 -1.93 18.03 10.27
C ALA A 330 -1.61 17.79 11.74
N GLN A 331 -1.87 18.77 12.62
CA GLN A 331 -1.57 18.64 14.06
C GLN A 331 -2.38 17.52 14.71
N LYS A 332 -3.58 17.27 14.20
CA LYS A 332 -4.46 16.24 14.72
C LYS A 332 -4.32 14.94 13.92
N GLY A 333 -3.37 14.91 12.99
CA GLY A 333 -3.16 13.78 12.12
C GLY A 333 -2.11 12.81 12.64
N GLU A 334 -1.75 11.88 11.76
CA GLU A 334 -0.88 10.74 12.07
C GLU A 334 0.17 10.80 10.96
N ILE A 335 1.42 11.05 11.30
CA ILE A 335 2.51 10.97 10.33
C ILE A 335 2.50 9.54 9.72
N MET A 336 2.58 9.45 8.41
CA MET A 336 2.59 8.13 7.77
C MET A 336 3.84 7.36 8.18
N PRO A 337 3.68 6.09 8.58
CA PRO A 337 4.87 5.28 8.71
C PRO A 337 5.51 5.06 7.34
N ASN A 338 6.80 4.77 7.36
CA ASN A 338 7.52 4.53 6.12
C ASN A 338 8.07 3.12 6.04
N ILE A 339 7.68 2.24 6.94
CA ILE A 339 8.13 0.84 6.88
C ILE A 339 7.62 0.11 5.63
N PRO A 340 8.38 -0.89 5.14
CA PRO A 340 7.97 -1.60 3.94
C PRO A 340 6.53 -2.11 4.00
N GLN A 341 6.06 -2.49 5.19
CA GLN A 341 4.72 -3.07 5.35
C GLN A 341 3.56 -2.10 5.03
N MET A 342 3.85 -0.81 4.89
CA MET A 342 2.81 0.19 4.57
C MET A 342 2.05 -0.04 3.29
N SER A 343 2.75 -0.54 2.28
CA SER A 343 2.11 -0.92 1.03
C SER A 343 0.96 -1.90 1.31
N ALA A 344 1.23 -2.90 2.15
CA ALA A 344 0.24 -3.92 2.51
C ALA A 344 -0.90 -3.31 3.29
N PHE A 345 -0.58 -2.35 4.17
CA PHE A 345 -1.59 -1.64 4.92
C PHE A 345 -2.54 -0.90 3.97
N TRP A 346 -1.99 -0.17 3.00
CA TRP A 346 -2.84 0.64 2.13
C TRP A 346 -3.78 -0.23 1.31
N TYR A 347 -3.22 -1.29 0.71
CA TYR A 347 -4.03 -2.20 -0.07
C TYR A 347 -5.13 -2.86 0.76
N ALA A 348 -4.77 -3.32 1.96
CA ALA A 348 -5.72 -3.93 2.89
C ALA A 348 -6.87 -2.99 3.23
N VAL A 349 -6.55 -1.73 3.52
CA VAL A 349 -7.57 -0.77 3.93
C VAL A 349 -8.39 -0.32 2.71
N ARG A 350 -7.75 -0.19 1.57
CA ARG A 350 -8.44 0.15 0.33
C ARG A 350 -9.56 -0.85 0.03
N THR A 351 -9.23 -2.12 0.20
CA THR A 351 -10.16 -3.22 -0.03
C THR A 351 -11.32 -3.20 0.95
N ALA A 352 -11.03 -2.95 2.23
CA ALA A 352 -12.05 -2.94 3.27
C ALA A 352 -13.12 -1.89 2.99
N VAL A 353 -12.66 -0.69 2.62
CA VAL A 353 -13.55 0.42 2.41
C VAL A 353 -14.42 0.18 1.18
N ILE A 354 -13.82 -0.24 0.08
CA ILE A 354 -14.58 -0.55 -1.12
C ILE A 354 -15.61 -1.64 -0.85
N ASN A 355 -15.20 -2.72 -0.18
CA ASN A 355 -16.12 -3.81 0.12
C ASN A 355 -17.21 -3.43 1.11
N ALA A 356 -16.86 -2.66 2.13
CA ALA A 356 -17.86 -2.18 3.09
C ALA A 356 -18.82 -1.24 2.39
N ALA A 357 -18.30 -0.34 1.55
CA ALA A 357 -19.11 0.67 0.87
C ALA A 357 -20.02 0.11 -0.22
N SER A 358 -19.61 -1.00 -0.85
CA SER A 358 -20.44 -1.65 -1.88
C SER A 358 -21.33 -2.71 -1.27
N GLY A 359 -21.22 -2.95 0.03
CA GLY A 359 -22.00 -3.98 0.68
C GLY A 359 -21.43 -5.38 0.48
N ARG A 360 -20.38 -5.52 -0.34
CA ARG A 360 -19.76 -6.83 -0.56
C ARG A 360 -19.32 -7.48 0.73
N GLN A 361 -19.06 -6.67 1.76
CA GLN A 361 -18.81 -7.17 3.12
C GLN A 361 -19.51 -6.26 4.12
N THR A 362 -19.74 -6.76 5.32
CA THR A 362 -20.17 -5.94 6.43
C THR A 362 -18.94 -5.20 6.91
N VAL A 363 -19.14 -4.13 7.67
CA VAL A 363 -18.03 -3.36 8.21
C VAL A 363 -17.12 -4.28 9.04
N ASP A 364 -17.72 -5.14 9.84
CA ASP A 364 -16.95 -6.08 10.68
C ASP A 364 -16.10 -7.09 9.92
N GLU A 365 -16.65 -7.69 8.86
CA GLU A 365 -15.87 -8.59 8.00
C GLU A 365 -14.75 -7.81 7.32
N ALA A 366 -15.09 -6.64 6.80
CA ALA A 366 -14.14 -5.77 6.10
C ALA A 366 -12.92 -5.48 6.98
N LEU A 367 -13.16 -5.04 8.21
CA LEU A 367 -12.07 -4.66 9.11
C LEU A 367 -11.31 -5.86 9.68
N LYS A 368 -11.98 -6.99 9.88
CA LYS A 368 -11.31 -8.21 10.34
C LYS A 368 -10.25 -8.63 9.35
N ASP A 369 -10.64 -8.79 8.09
CA ASP A 369 -9.70 -9.13 7.03
C ASP A 369 -8.58 -8.11 6.88
N ALA A 370 -8.94 -6.83 6.89
CA ALA A 370 -7.96 -5.76 6.71
C ALA A 370 -6.92 -5.75 7.83
N GLN A 371 -7.38 -5.99 9.06
CA GLN A 371 -6.49 -6.13 10.22
C GLN A 371 -5.45 -7.22 9.97
N THR A 372 -5.94 -8.39 9.55
CA THR A 372 -5.06 -9.52 9.21
C THR A 372 -4.12 -9.22 8.04
N ASN A 373 -4.67 -8.72 6.94
CA ASN A 373 -3.87 -8.49 5.74
C ASN A 373 -2.87 -7.34 5.86
N ALA A 374 -3.18 -6.34 6.66
CA ALA A 374 -2.27 -5.19 6.82
C ALA A 374 -0.96 -5.59 7.49
N GLY A 375 -1.05 -6.55 8.41
CA GLY A 375 0.11 -7.00 9.16
C GLY A 375 0.77 -8.26 8.62
N ALA A 376 0.14 -8.94 7.66
CA ALA A 376 0.67 -10.21 7.15
C ALA A 376 1.87 -9.98 6.24
N ILE A 377 2.99 -10.58 6.60
CA ILE A 377 4.21 -10.40 5.85
C ILE A 377 4.20 -11.27 4.59
N VAL A 378 4.44 -10.64 3.45
CA VAL A 378 4.44 -11.30 2.15
C VAL A 378 5.84 -11.10 1.57
N THR A 379 6.48 -12.20 1.20
CA THR A 379 7.84 -12.16 0.65
C THR A 379 7.85 -12.62 -0.79
N PRO A 380 8.50 -11.85 -1.69
CA PRO A 380 8.68 -12.37 -3.06
C PRO A 380 9.55 -13.61 -3.05
N TYR A 381 9.26 -14.54 -3.94
CA TYR A 381 9.98 -15.78 -4.03
C TYR A 381 10.05 -16.18 -5.49
N THR A 382 11.10 -16.92 -5.85
CA THR A 382 11.26 -17.45 -7.21
C THR A 382 11.37 -18.96 -7.12
N ILE A 383 10.60 -19.64 -7.94
CA ILE A 383 10.56 -21.09 -7.93
C ILE A 383 11.85 -21.64 -8.52
N LYS A 384 12.38 -22.70 -7.91
CA LYS A 384 13.61 -23.34 -8.38
C LYS A 384 13.31 -24.75 -8.80
N GLY A 385 13.50 -25.06 -10.07
CA GLY A 385 13.37 -26.43 -10.56
C GLY A 385 12.01 -26.79 -11.13
N GLU A 386 11.83 -28.08 -11.38
CA GLU A 386 10.71 -28.60 -12.15
C GLU A 386 9.70 -29.39 -11.33
N ALA A 387 9.93 -29.53 -10.02
CA ALA A 387 9.13 -30.49 -9.24
C ALA A 387 7.65 -30.11 -9.04
N MET A 388 7.29 -28.84 -9.29
CA MET A 388 5.89 -28.41 -9.30
C MET A 388 5.36 -28.10 -10.71
N ASP A 389 6.13 -28.43 -11.75
CA ASP A 389 5.73 -28.18 -13.14
C ASP A 389 4.49 -29.03 -13.48
N PRO A 390 3.51 -28.45 -14.22
CA PRO A 390 3.43 -27.14 -14.84
C PRO A 390 2.68 -26.10 -14.00
N THR A 391 2.19 -26.51 -12.83
CA THR A 391 1.46 -25.62 -11.94
C THR A 391 2.32 -24.41 -11.60
N LEU A 392 3.58 -24.68 -11.27
CA LEU A 392 4.58 -23.66 -11.04
C LEU A 392 5.82 -24.03 -11.82
N LYS A 393 6.40 -23.05 -12.49
CA LYS A 393 7.50 -23.31 -13.41
C LYS A 393 8.82 -22.79 -12.87
N ASP A 394 9.90 -23.37 -13.37
CA ASP A 394 11.22 -22.93 -12.97
C ASP A 394 11.44 -21.47 -13.32
N GLY A 395 11.83 -20.66 -12.32
CA GLY A 395 12.06 -19.24 -12.50
C GLY A 395 10.84 -18.36 -12.22
N GLU A 396 9.69 -18.99 -11.96
CA GLU A 396 8.43 -18.26 -11.85
C GLU A 396 8.38 -17.45 -10.55
N ARG A 397 7.86 -16.24 -10.65
CA ARG A 397 7.79 -15.33 -9.48
C ARG A 397 6.50 -15.61 -8.76
N VAL A 398 6.58 -15.78 -7.45
CA VAL A 398 5.38 -16.00 -6.65
C VAL A 398 5.46 -15.15 -5.39
N ALA A 399 4.40 -15.21 -4.58
CA ALA A 399 4.33 -14.50 -3.31
C ALA A 399 4.22 -15.51 -2.18
N VAL A 400 5.01 -15.32 -1.13
CA VAL A 400 4.97 -16.21 0.02
C VAL A 400 4.43 -15.46 1.24
N ASN A 401 3.30 -15.94 1.74
CA ASN A 401 2.74 -15.45 2.99
C ASN A 401 3.38 -16.16 4.15
N ILE A 402 4.25 -15.45 4.87
CA ILE A 402 5.04 -16.05 5.94
C ILE A 402 4.10 -16.54 7.02
N VAL A 403 4.21 -17.82 7.38
CA VAL A 403 3.41 -18.37 8.48
C VAL A 403 4.22 -18.38 9.78
N GLY A 404 3.67 -17.76 10.82
CA GLY A 404 4.24 -17.81 12.16
C GLY A 404 4.34 -19.20 12.77
N TYR A 405 5.23 -19.34 13.75
CA TYR A 405 5.39 -20.57 14.53
C TYR A 405 4.03 -21.04 15.07
N LYS A 406 3.71 -22.31 14.83
CA LYS A 406 2.48 -22.96 15.31
C LYS A 406 1.19 -22.17 15.03
N THR A 407 1.24 -21.22 14.12
CA THR A 407 0.07 -20.44 13.80
C THR A 407 -0.75 -21.19 12.77
N GLY A 409 -2.19 -22.22 10.01
CA GLY A 409 -3.52 -22.39 9.42
C GLY A 409 -3.49 -23.10 8.08
N LEU A 410 -2.81 -24.24 8.04
CA LEU A 410 -2.54 -24.95 6.81
C LEU A 410 -3.63 -25.95 6.45
N GLU A 411 -4.00 -25.99 5.17
CA GLU A 411 -5.04 -26.89 4.69
C GLU A 411 -4.56 -27.66 3.49
N LYS A 412 -5.18 -28.82 3.26
CA LYS A 412 -4.91 -29.64 2.08
C LYS A 412 -5.07 -28.80 0.81
N GLY A 413 -4.19 -29.01 -0.16
CA GLY A 413 -4.18 -28.18 -1.36
C GLY A 413 -3.29 -26.95 -1.30
N ASN A 414 -3.00 -26.43 -0.10
CA ASN A 414 -2.04 -25.33 0.03
C ASN A 414 -0.70 -25.73 -0.56
N VAL A 415 -0.12 -24.83 -1.33
CA VAL A 415 1.28 -24.97 -1.74
C VAL A 415 2.11 -24.17 -0.75
N VAL A 416 3.14 -24.82 -0.21
CA VAL A 416 3.93 -24.22 0.86
C VAL A 416 5.43 -24.26 0.57
N VAL A 417 6.15 -23.33 1.19
CA VAL A 417 7.61 -23.36 1.24
C VAL A 417 7.99 -23.89 2.60
N PHE A 418 8.90 -24.85 2.65
CA PHE A 418 9.39 -25.36 3.92
C PHE A 418 10.89 -25.61 3.90
N HIS A 419 11.50 -25.66 5.08
CA HIS A 419 12.95 -25.88 5.20
C HIS A 419 13.30 -27.27 5.69
N ALA A 420 14.58 -27.59 5.57
CA ALA A 420 15.18 -28.80 6.15
C ALA A 420 16.69 -28.57 6.26
N ASN A 421 17.24 -28.60 7.48
CA ASN A 421 18.69 -28.45 7.68
C ASN A 421 19.17 -27.02 7.45
N ASN A 423 19.64 -24.90 5.38
CA ASN A 423 19.80 -24.18 4.11
C ASN A 423 18.90 -24.64 2.97
N ASP A 424 18.22 -25.78 3.13
CA ASP A 424 17.35 -26.28 2.06
C ASP A 424 15.97 -25.64 2.16
N ASP A 425 15.44 -25.16 1.05
CA ASP A 425 14.03 -24.78 0.97
C ASP A 425 13.39 -25.52 -0.20
N TYR A 426 12.15 -25.93 -0.02
CA TYR A 426 11.38 -26.62 -1.06
C TYR A 426 10.00 -26.01 -1.17
N VAL A 427 9.40 -26.17 -2.34
CA VAL A 427 8.00 -25.82 -2.57
C VAL A 427 7.26 -27.11 -2.92
N LYS A 428 6.25 -27.46 -2.11
CA LYS A 428 5.43 -28.65 -2.36
C LYS A 428 4.02 -28.37 -1.92
N ARG A 429 3.10 -29.24 -2.35
CA ARG A 429 1.71 -29.08 -2.00
C ARG A 429 1.34 -29.94 -0.79
N VAL A 430 0.56 -29.38 0.12
CA VAL A 430 0.05 -30.14 1.25
C VAL A 430 -1.03 -31.10 0.76
N ILE A 431 -0.78 -32.40 0.92
CA ILE A 431 -1.74 -33.43 0.51
C ILE A 431 -2.49 -34.06 1.71
N GLY A 432 -1.88 -34.02 2.89
CA GLY A 432 -2.53 -34.45 4.12
C GLY A 432 -2.03 -33.66 5.31
N VAL A 433 -2.94 -33.33 6.22
CA VAL A 433 -2.61 -32.58 7.43
C VAL A 433 -2.85 -33.46 8.69
N PRO A 434 -2.45 -32.98 9.88
CA PRO A 434 -2.63 -33.78 11.10
C PRO A 434 -4.06 -34.30 11.28
N GLY A 435 -4.19 -35.62 11.36
CA GLY A 435 -5.48 -36.27 11.59
C GLY A 435 -6.04 -36.96 10.36
N ASP A 436 -5.57 -36.56 9.18
CA ASP A 436 -6.03 -37.16 7.94
C ASP A 436 -5.47 -38.55 7.73
N LYS A 437 -6.35 -39.47 7.36
CA LYS A 437 -5.95 -40.78 6.87
C LYS A 437 -5.71 -40.62 5.37
N VAL A 438 -4.59 -41.14 4.87
CA VAL A 438 -4.17 -40.89 3.49
C VAL A 438 -3.41 -42.06 2.90
N GLU A 439 -3.65 -42.33 1.63
CA GLU A 439 -3.03 -43.46 0.96
C GLU A 439 -3.23 -43.32 -0.56
N TYR A 440 -2.32 -43.88 -1.34
CA TYR A 440 -2.44 -43.93 -2.81
C TYR A 440 -2.51 -45.38 -3.32
N LYS A 441 -3.49 -45.65 -4.17
CA LYS A 441 -3.54 -46.87 -4.95
C LYS A 441 -3.32 -46.51 -6.41
N ASN A 442 -2.18 -46.94 -6.96
CA ASN A 442 -1.74 -46.47 -8.26
C ASN A 442 -1.71 -44.94 -8.24
N ASP A 443 -2.55 -44.27 -9.04
CA ASP A 443 -2.57 -42.80 -9.03
C ASP A 443 -3.78 -42.18 -8.33
N THR A 444 -4.58 -43.00 -7.65
CA THR A 444 -5.78 -42.51 -7.01
C THR A 444 -5.53 -42.17 -5.54
N LEU A 445 -5.83 -40.93 -5.20
CA LEU A 445 -5.65 -40.41 -3.85
C LEU A 445 -6.88 -40.69 -3.01
N TYR A 446 -6.69 -41.33 -1.85
CA TYR A 446 -7.77 -41.53 -0.87
C TYR A 446 -7.46 -40.79 0.43
N VAL A 447 -8.36 -39.87 0.80
CA VAL A 447 -8.24 -39.06 2.01
C VAL A 447 -9.43 -39.31 2.93
N ASN A 448 -9.16 -39.79 4.14
CA ASN A 448 -10.17 -40.19 5.12
C ASN A 448 -11.20 -41.14 4.52
N GLY A 449 -10.70 -42.22 3.90
CA GLY A 449 -11.54 -43.29 3.35
C GLY A 449 -12.04 -43.12 1.93
N LYS A 450 -12.15 -41.87 1.47
CA LYS A 450 -12.79 -41.56 0.19
C LYS A 450 -11.83 -40.88 -0.78
N LYS A 451 -12.10 -41.05 -2.07
CA LYS A 451 -11.25 -40.48 -3.10
C LYS A 451 -11.34 -38.95 -3.15
N GLN A 452 -10.19 -38.31 -3.37
CA GLN A 452 -10.12 -36.87 -3.61
C GLN A 452 -9.57 -36.64 -5.00
N ASP A 453 -10.22 -35.78 -5.77
CA ASP A 453 -9.71 -35.38 -7.08
C ASP A 453 -8.47 -34.52 -6.86
N GLU A 454 -7.58 -34.52 -7.86
CA GLU A 454 -6.40 -33.64 -7.88
C GLU A 454 -6.31 -32.96 -9.26
N PRO A 455 -7.11 -31.90 -9.49
CA PRO A 455 -7.11 -31.25 -10.81
C PRO A 455 -5.74 -30.71 -11.24
N TYR A 456 -4.93 -30.30 -10.27
CA TYR A 456 -3.56 -29.84 -10.52
C TYR A 456 -2.62 -30.90 -11.10
N LEU A 457 -3.03 -32.17 -11.15
CA LEU A 457 -2.23 -33.22 -11.78
C LEU A 457 -2.74 -33.62 -13.16
N ASN A 458 -3.84 -32.99 -13.59
CA ASN A 458 -4.49 -33.34 -14.85
C ASN A 458 -3.54 -33.39 -16.04
N TYR A 459 -2.72 -32.35 -16.19
CA TYR A 459 -1.77 -32.28 -17.29
C TYR A 459 -0.73 -33.39 -17.23
N ASN A 460 -0.15 -33.59 -16.05
CA ASN A 460 0.91 -34.57 -15.88
C ASN A 460 0.40 -36.00 -15.98
N LEU A 461 -0.86 -36.22 -15.59
CA LEU A 461 -1.48 -37.53 -15.76
C LEU A 461 -1.70 -37.84 -17.24
N LYS A 462 -2.10 -36.83 -18.02
CA LYS A 462 -2.36 -37.02 -19.45
C LYS A 462 -1.11 -37.05 -20.31
N HIS A 463 0.03 -36.70 -19.74
CA HIS A 463 1.29 -36.65 -20.50
C HIS A 463 2.36 -37.47 -19.79
N LYS A 464 1.95 -38.52 -19.08
CA LYS A 464 2.88 -39.30 -18.26
C LYS A 464 3.81 -40.21 -19.05
N GLN A 465 5.08 -40.26 -18.65
CA GLN A 465 6.09 -41.13 -19.28
C GLN A 465 5.82 -42.62 -19.03
N GLY A 466 5.52 -42.96 -17.78
CA GLY A 466 5.30 -44.36 -17.38
C GLY A 466 3.86 -44.71 -17.07
N ASP A 467 3.67 -45.78 -16.30
CA ASP A 467 2.34 -46.28 -15.96
C ASP A 467 1.63 -45.35 -15.01
N TYR A 468 2.34 -44.89 -13.99
CA TYR A 468 1.78 -44.02 -12.96
C TYR A 468 2.79 -42.97 -12.56
N ILE A 469 2.28 -41.79 -12.20
CA ILE A 469 3.15 -40.67 -11.84
C ILE A 469 3.41 -40.60 -10.33
N THR A 470 2.43 -40.97 -9.53
CA THR A 470 2.60 -41.00 -8.07
C THR A 470 2.92 -42.41 -7.63
N GLY A 471 2.05 -43.36 -7.99
CA GLY A 471 2.27 -44.76 -7.66
C GLY A 471 1.78 -45.10 -6.26
N THR A 472 1.51 -46.38 -6.03
CA THR A 472 0.91 -46.84 -4.80
C THR A 472 1.85 -46.65 -3.63
N PHE A 473 1.32 -46.10 -2.53
CA PHE A 473 2.02 -46.07 -1.25
C PHE A 473 1.03 -45.75 -0.14
N GLN A 474 1.46 -45.93 1.10
CA GLN A 474 0.65 -45.60 2.29
C GLN A 474 1.48 -44.85 3.33
N VAL A 475 0.84 -43.94 4.04
CA VAL A 475 1.48 -43.11 5.05
C VAL A 475 2.28 -43.90 6.11
N LYS A 476 1.74 -45.04 6.55
CA LYS A 476 2.39 -45.87 7.58
C LYS A 476 3.82 -46.26 7.20
N ASP A 477 4.05 -46.51 5.92
CA ASP A 477 5.34 -46.98 5.41
C ASP A 477 6.36 -45.85 5.22
N LEU A 478 6.05 -44.64 5.67
CA LEU A 478 6.88 -43.47 5.39
C LEU A 478 7.65 -43.02 6.62
N PRO A 479 8.86 -42.47 6.42
CA PRO A 479 9.61 -41.89 7.53
C PRO A 479 8.78 -40.87 8.32
N ASN A 480 8.93 -40.89 9.65
CA ASN A 480 8.25 -39.97 10.57
C ASN A 480 6.74 -40.16 10.73
N ALA A 481 6.19 -41.26 10.21
CA ALA A 481 4.77 -41.56 10.40
C ALA A 481 4.61 -42.55 11.56
N ASN A 482 3.37 -42.82 11.95
CA ASN A 482 3.07 -43.95 12.84
C ASN A 482 3.10 -45.21 11.99
N PRO A 483 4.01 -46.14 12.31
CA PRO A 483 3.97 -47.39 11.55
C PRO A 483 2.66 -48.13 11.75
N LYS A 484 1.94 -47.80 12.82
CA LYS A 484 0.64 -48.41 13.15
C LYS A 484 -0.47 -48.02 12.19
N SER A 485 -0.58 -46.73 11.87
CA SER A 485 -1.71 -46.21 11.08
C SER A 485 -1.29 -45.35 9.87
N ASN A 486 -2.22 -45.22 8.93
CA ASN A 486 -2.07 -44.28 7.81
C ASN A 486 -2.63 -42.89 8.17
N VAL A 487 -3.07 -42.71 9.43
CA VAL A 487 -3.51 -41.41 9.94
C VAL A 487 -2.29 -40.56 10.26
N ILE A 488 -2.20 -39.41 9.61
CA ILE A 488 -1.06 -38.51 9.77
C ILE A 488 -0.98 -38.02 11.23
N PRO A 489 0.18 -38.24 11.89
CA PRO A 489 0.34 -37.84 13.29
C PRO A 489 0.17 -36.35 13.52
N LYS A 490 0.08 -35.99 14.79
CA LYS A 490 -0.04 -34.61 15.24
C LYS A 490 1.17 -33.80 14.78
N GLY A 491 0.94 -32.56 14.37
CA GLY A 491 2.02 -31.66 13.92
C GLY A 491 2.86 -32.14 12.73
N LYS A 492 2.29 -33.01 11.91
CA LYS A 492 3.00 -33.52 10.74
C LYS A 492 2.17 -33.38 9.47
N TYR A 493 2.86 -33.32 8.32
CA TYR A 493 2.24 -33.04 7.04
C TYR A 493 2.82 -33.91 5.93
N LEU A 494 1.93 -34.38 5.06
CA LEU A 494 2.32 -35.05 3.83
C LEU A 494 2.36 -34.00 2.73
N VAL A 495 3.49 -33.93 2.03
CA VAL A 495 3.70 -32.93 0.97
C VAL A 495 4.22 -33.61 -0.29
N LEU A 496 3.63 -33.26 -1.44
CA LEU A 496 4.02 -33.84 -2.72
C LEU A 496 4.16 -32.75 -3.80
N GLY A 497 5.09 -32.97 -4.73
CA GLY A 497 5.26 -32.08 -5.88
C GLY A 497 4.26 -32.43 -6.97
N ASP A 498 3.69 -31.42 -7.61
CA ASP A 498 2.71 -31.65 -8.67
C ASP A 498 3.34 -32.41 -9.83
N ASN A 499 4.63 -32.22 -10.05
CA ASN A 499 5.33 -32.99 -11.06
C ASN A 499 5.78 -34.31 -10.42
N ARG A 500 4.82 -35.20 -10.22
CA ARG A 500 5.02 -36.40 -9.42
C ARG A 500 6.09 -37.35 -9.98
N GLU A 501 6.26 -37.37 -11.29
CA GLU A 501 7.27 -38.22 -11.91
C GLU A 501 8.70 -37.83 -11.54
N VAL A 502 8.95 -36.56 -11.21
CA VAL A 502 10.31 -36.14 -10.89
C VAL A 502 10.51 -35.57 -9.49
N SER A 503 9.44 -35.42 -8.72
CA SER A 503 9.53 -34.74 -7.43
C SER A 503 10.11 -35.64 -6.34
N LYS A 504 11.15 -35.13 -5.67
CA LYS A 504 11.63 -35.73 -4.43
C LYS A 504 10.82 -35.09 -3.34
N ASP A 505 9.90 -35.86 -2.75
CA ASP A 505 8.96 -35.31 -1.78
C ASP A 505 8.72 -36.30 -0.63
N SER A 506 7.58 -36.22 0.05
CA SER A 506 7.30 -37.13 1.16
C SER A 506 7.41 -38.62 0.82
N ARG A 507 7.37 -38.97 -0.46
CA ARG A 507 7.54 -40.35 -0.87
C ARG A 507 8.98 -40.81 -0.66
N ALA A 508 9.91 -39.85 -0.62
CA ALA A 508 11.32 -40.13 -0.41
C ALA A 508 11.74 -39.84 1.02
N PHE A 509 11.41 -38.64 1.53
CA PHE A 509 11.86 -38.20 2.88
C PHE A 509 10.78 -38.25 3.98
N GLY A 510 9.60 -38.79 3.65
CA GLY A 510 8.55 -38.95 4.65
C GLY A 510 7.82 -37.68 5.01
N LEU A 511 7.03 -37.77 6.07
CA LEU A 511 6.23 -36.65 6.54
C LEU A 511 7.12 -35.58 7.14
N ILE A 512 6.76 -34.31 6.93
CA ILE A 512 7.52 -33.18 7.46
C ILE A 512 6.80 -32.59 8.65
N ASP A 513 7.50 -31.77 9.40
CA ASP A 513 6.99 -31.22 10.64
C ASP A 513 6.42 -29.83 10.41
N GLU A 514 5.46 -29.45 11.24
CA GLU A 514 4.85 -28.13 11.19
C GLU A 514 5.87 -27.00 11.26
N ASP A 515 6.87 -27.16 12.12
CA ASP A 515 7.91 -26.14 12.31
C ASP A 515 8.79 -25.95 11.09
N GLN A 516 8.81 -26.93 10.19
CA GLN A 516 9.56 -26.82 8.93
C GLN A 516 8.92 -25.83 7.95
N ILE A 517 7.60 -25.70 7.99
CA ILE A 517 6.86 -24.86 7.04
C ILE A 517 7.01 -23.39 7.34
N VAL A 518 7.44 -22.62 6.34
CA VAL A 518 7.74 -21.21 6.57
C VAL A 518 6.78 -20.26 5.85
N GLY A 519 6.06 -20.76 4.85
CA GLY A 519 5.09 -19.92 4.15
C GLY A 519 4.09 -20.61 3.24
N LYS A 520 3.04 -19.86 2.91
CA LYS A 520 2.02 -20.26 1.95
C LYS A 520 2.24 -19.48 0.65
N VAL A 521 2.17 -20.19 -0.48
CA VAL A 521 2.49 -19.61 -1.78
C VAL A 521 1.22 -19.16 -2.51
N SER A 522 1.17 -17.89 -2.91
CA SER A 522 0.17 -17.40 -3.88
C SER A 522 0.84 -17.30 -5.23
N PHE A 523 0.09 -17.56 -6.29
CA PHE A 523 0.64 -17.61 -7.63
C PHE A 523 -0.45 -17.48 -8.69
N ARG A 524 -0.04 -17.27 -9.94
CA ARG A 524 -0.98 -17.15 -11.07
C ARG A 524 -1.75 -18.45 -11.28
N PHE A 525 -3.08 -18.41 -11.12
CA PHE A 525 -3.95 -19.58 -11.36
C PHE A 525 -5.35 -19.10 -11.75
N TRP A 526 -6.09 -19.95 -12.48
CA TRP A 526 -7.46 -19.64 -12.95
C TRP A 526 -7.54 -18.30 -13.69
#